data_4LMY
#
_entry.id   4LMY
#
_cell.length_a   33.109
_cell.length_b   87.496
_cell.length_c   59.389
_cell.angle_alpha   90.00
_cell.angle_beta   94.78
_cell.angle_gamma   90.00
#
_symmetry.space_group_name_H-M   'P 1 21 1'
#
loop_
_entity.id
_entity.type
_entity.pdbx_description
1 polymer 'Peroxide stress regulator PerR, FUR family'
2 non-polymer 'ZINC ION'
3 water water
#
_entity_poly.entity_id   1
_entity_poly.type   'polypeptide(L)'
_entity_poly.pdbx_seq_one_letter_code
;MDIHSHQQALDAYENVLEHLREKHIRITETRKAIISYMIQSTEHPSADKIYRDLQPNFPNMSLATVYNNLKVLVDEGFVS
ELKISNDLTTYYDFMGHQHVNVVCEICGKIADFMDVDVMDIAKEAHEQTGYKVTRIPVIAYGICPDCQAKDQPDFLEHHH
HHH
;
_entity_poly.pdbx_strand_id   A,B
#
# COMPACT_ATOMS: atom_id res chain seq x y z
N MET A 1 6.83 15.74 -4.16
CA MET A 1 7.94 15.74 -3.22
C MET A 1 8.96 14.67 -3.57
N ASP A 2 10.23 15.06 -3.62
CA ASP A 2 11.30 14.15 -4.01
C ASP A 2 11.52 13.04 -3.00
N ILE A 3 12.10 11.93 -3.46
CA ILE A 3 12.48 10.83 -2.59
C ILE A 3 13.52 11.29 -1.58
N HIS A 4 13.31 10.93 -0.32
CA HIS A 4 14.14 11.39 0.79
C HIS A 4 13.98 10.43 1.97
N SER A 5 14.78 10.63 3.01
CA SER A 5 14.69 9.81 4.21
C SER A 5 14.88 10.64 5.48
N HIS A 6 14.21 10.24 6.55
CA HIS A 6 14.37 10.88 7.85
C HIS A 6 15.12 9.95 8.80
N GLN A 7 15.63 8.85 8.23
CA GLN A 7 16.37 7.83 8.98
C GLN A 7 15.54 7.19 10.09
N GLN A 8 14.22 7.22 9.91
CA GLN A 8 13.32 6.53 10.83
C GLN A 8 11.97 6.29 10.16
N ALA A 9 11.28 5.23 10.59
CA ALA A 9 9.93 4.97 10.12
C ALA A 9 8.98 6.02 10.66
N LEU A 10 8.09 6.50 9.80
CA LEU A 10 7.12 7.52 10.16
C LEU A 10 5.84 7.27 9.39
N ASP A 11 4.70 7.19 10.08
CA ASP A 11 3.44 7.10 9.36
C ASP A 11 3.12 8.46 8.75
N ALA A 12 2.01 8.55 8.00
CA ALA A 12 1.65 9.79 7.34
C ALA A 12 1.56 10.98 8.30
N TYR A 13 0.98 10.74 9.47
CA TYR A 13 0.81 11.78 10.48
C TYR A 13 2.16 12.25 11.04
N GLU A 14 2.95 11.30 11.53
CA GLU A 14 4.24 11.64 12.10
C GLU A 14 5.19 12.23 11.07
N ASN A 15 5.02 11.84 9.81
CA ASN A 15 5.83 12.37 8.74
C ASN A 15 5.54 13.85 8.51
N VAL A 16 4.26 14.21 8.44
CA VAL A 16 3.90 15.61 8.31
C VAL A 16 4.50 16.36 9.50
N LEU A 17 4.39 15.75 10.68
CA LEU A 17 4.93 16.35 11.90
C LEU A 17 6.43 16.60 11.81
N GLU A 18 7.17 15.63 11.28
CA GLU A 18 8.61 15.77 11.13
C GLU A 18 8.98 16.84 10.11
N HIS A 19 8.23 16.92 9.02
CA HIS A 19 8.52 17.90 7.96
C HIS A 19 8.39 19.36 8.42
N LEU A 20 7.32 19.71 9.12
CA LEU A 20 7.16 21.09 9.60
C LEU A 20 8.17 21.41 10.69
N ARG A 21 8.51 20.40 11.51
CA ARG A 21 9.53 20.57 12.54
C ARG A 21 10.86 20.94 11.89
N GLU A 22 11.21 20.20 10.85
CA GLU A 22 12.44 20.44 10.09
C GLU A 22 12.53 21.88 9.60
N LYS A 23 11.38 22.46 9.24
CA LYS A 23 11.35 23.83 8.71
C LYS A 23 10.92 24.83 9.77
N HIS A 24 10.95 24.40 11.03
CA HIS A 24 10.63 25.27 12.17
C HIS A 24 9.25 25.91 12.07
N ILE A 25 8.28 25.14 11.57
CA ILE A 25 6.89 25.56 11.57
C ILE A 25 6.23 25.05 12.83
N ARG A 26 5.52 25.93 13.53
CA ARG A 26 4.91 25.59 14.81
C ARG A 26 3.86 24.51 14.69
N ILE A 27 3.84 23.61 15.66
CA ILE A 27 2.85 22.54 15.73
C ILE A 27 1.85 22.85 16.83
N THR A 28 0.63 23.17 16.42
CA THR A 28 -0.43 23.50 17.36
C THR A 28 -1.45 22.37 17.41
N GLU A 29 -2.32 22.40 18.41
CA GLU A 29 -3.35 21.38 18.54
C GLU A 29 -4.33 21.42 17.37
N THR A 30 -4.63 22.61 16.88
CA THR A 30 -5.50 22.74 15.71
C THR A 30 -4.84 22.17 14.47
N ARG A 31 -3.53 22.38 14.35
CA ARG A 31 -2.78 21.89 13.21
C ARG A 31 -2.78 20.36 13.21
N LYS A 32 -2.54 19.77 14.38
CA LYS A 32 -2.57 18.32 14.54
C LYS A 32 -3.94 17.76 14.16
N ALA A 33 -5.00 18.41 14.63
CA ALA A 33 -6.36 17.96 14.40
C ALA A 33 -6.70 17.95 12.92
N ILE A 34 -6.28 19.01 12.23
CA ILE A 34 -6.55 19.13 10.80
C ILE A 34 -5.71 18.15 9.97
N ILE A 35 -4.43 17.99 10.33
CA ILE A 35 -3.58 17.00 9.68
C ILE A 35 -4.18 15.59 9.79
N SER A 36 -4.57 15.22 11.00
CA SER A 36 -5.16 13.90 11.25
C SER A 36 -6.43 13.70 10.43
N TYR A 37 -7.28 14.72 10.40
CA TYR A 37 -8.52 14.65 9.66
C TYR A 37 -8.28 14.44 8.17
N MET A 38 -7.35 15.21 7.61
CA MET A 38 -7.07 15.16 6.17
C MET A 38 -6.50 13.81 5.76
N ILE A 39 -5.68 13.24 6.64
CA ILE A 39 -5.07 11.94 6.37
C ILE A 39 -6.12 10.83 6.35
N GLN A 40 -7.08 10.92 7.27
CA GLN A 40 -8.08 9.87 7.41
C GLN A 40 -9.29 10.07 6.51
N SER A 41 -9.36 11.20 5.83
CA SER A 41 -10.48 11.48 4.94
C SER A 41 -10.40 10.63 3.67
N THR A 42 -11.55 10.13 3.21
CA THR A 42 -11.63 9.34 2.00
C THR A 42 -12.31 10.10 0.86
N GLU A 43 -12.54 11.38 1.09
CA GLU A 43 -13.09 12.26 0.07
C GLU A 43 -12.24 13.52 0.00
N HIS A 44 -12.64 14.46 -0.87
CA HIS A 44 -11.97 15.74 -0.96
C HIS A 44 -12.91 16.81 -0.41
N PRO A 45 -12.78 17.12 0.89
CA PRO A 45 -13.76 17.98 1.54
C PRO A 45 -13.51 19.47 1.29
N SER A 46 -14.58 20.26 1.41
CA SER A 46 -14.47 21.71 1.37
C SER A 46 -14.03 22.17 2.75
N ALA A 47 -13.62 23.42 2.87
CA ALA A 47 -13.22 23.97 4.16
C ALA A 47 -14.37 23.95 5.16
N ASP A 48 -15.58 24.25 4.69
CA ASP A 48 -16.74 24.23 5.57
C ASP A 48 -17.02 22.82 6.09
N LYS A 49 -16.78 21.82 5.26
CA LYS A 49 -17.01 20.43 5.65
C LYS A 49 -16.02 19.98 6.71
N ILE A 50 -14.76 20.38 6.53
CA ILE A 50 -13.71 20.11 7.52
C ILE A 50 -14.09 20.74 8.86
N TYR A 51 -14.50 22.01 8.81
CA TYR A 51 -14.94 22.72 10.01
C TYR A 51 -16.10 22.02 10.70
N ARG A 52 -17.15 21.71 9.95
CA ARG A 52 -18.34 21.10 10.52
C ARG A 52 -18.06 19.71 11.11
N ASP A 53 -17.21 18.95 10.44
CA ASP A 53 -16.87 17.61 10.91
C ASP A 53 -16.04 17.65 12.20
N LEU A 54 -15.15 18.64 12.30
CA LEU A 54 -14.23 18.72 13.44
C LEU A 54 -14.79 19.39 14.68
N GLN A 55 -15.75 20.29 14.50
CA GLN A 55 -16.23 21.13 15.60
C GLN A 55 -16.79 20.39 16.83
N PRO A 56 -17.59 19.32 16.63
CA PRO A 56 -18.14 18.68 17.84
C PRO A 56 -17.10 18.15 18.83
N ASN A 57 -15.98 17.63 18.32
CA ASN A 57 -14.93 17.13 19.19
C ASN A 57 -13.75 18.09 19.32
N PHE A 58 -13.86 19.26 18.70
CA PHE A 58 -12.87 20.32 18.86
C PHE A 58 -13.65 21.63 18.80
N PRO A 59 -14.44 21.93 19.84
CA PRO A 59 -15.39 23.04 19.80
C PRO A 59 -14.77 24.39 19.43
N ASN A 60 -13.50 24.60 19.74
CA ASN A 60 -12.84 25.87 19.44
C ASN A 60 -12.45 26.01 17.97
N MET A 61 -12.63 24.94 17.20
CA MET A 61 -12.32 24.99 15.77
C MET A 61 -13.22 25.99 15.07
N SER A 62 -12.62 26.84 14.25
CA SER A 62 -13.37 27.81 13.46
C SER A 62 -13.00 27.66 12.00
N LEU A 63 -13.80 28.25 11.12
CA LEU A 63 -13.53 28.17 9.69
C LEU A 63 -12.20 28.86 9.37
N ALA A 64 -11.94 29.98 10.04
CA ALA A 64 -10.69 30.71 9.84
C ALA A 64 -9.49 29.83 10.18
N THR A 65 -9.60 29.09 11.27
CA THR A 65 -8.53 28.17 11.68
C THR A 65 -8.31 27.09 10.64
N VAL A 66 -9.40 26.57 10.07
CA VAL A 66 -9.30 25.59 9.01
C VAL A 66 -8.53 26.16 7.82
N TYR A 67 -8.92 27.34 7.37
CA TYR A 67 -8.20 27.98 6.26
C TYR A 67 -6.73 28.21 6.58
N ASN A 68 -6.45 28.66 7.79
CA ASN A 68 -5.08 28.93 8.19
C ASN A 68 -4.19 27.71 8.08
N ASN A 69 -4.61 26.62 8.72
CA ASN A 69 -3.83 25.39 8.75
C ASN A 69 -3.74 24.71 7.38
N LEU A 70 -4.80 24.81 6.59
CA LEU A 70 -4.77 24.27 5.25
C LEU A 70 -3.73 24.99 4.38
N LYS A 71 -3.62 26.31 4.57
CA LYS A 71 -2.64 27.11 3.83
C LYS A 71 -1.21 26.63 4.11
N VAL A 72 -0.95 26.31 5.37
CA VAL A 72 0.35 25.77 5.75
C VAL A 72 0.60 24.44 5.04
N LEU A 73 -0.40 23.58 5.04
CA LEU A 73 -0.28 22.26 4.42
C LEU A 73 -0.15 22.35 2.90
N VAL A 74 -0.84 23.30 2.30
CA VAL A 74 -0.76 23.52 0.87
C VAL A 74 0.62 24.05 0.49
N ASP A 75 1.09 25.04 1.25
CA ASP A 75 2.40 25.65 1.01
C ASP A 75 3.54 24.65 1.22
N GLU A 76 3.33 23.69 2.11
CA GLU A 76 4.35 22.71 2.43
C GLU A 76 4.23 21.44 1.60
N GLY A 77 3.30 21.46 0.65
CA GLY A 77 3.18 20.41 -0.35
C GLY A 77 2.44 19.15 0.06
N PHE A 78 1.66 19.23 1.14
CA PHE A 78 0.92 18.07 1.62
C PHE A 78 -0.54 18.08 1.17
N VAL A 79 -1.06 19.26 0.85
CA VAL A 79 -2.44 19.39 0.40
C VAL A 79 -2.51 20.17 -0.91
N SER A 80 -3.33 19.70 -1.84
CA SER A 80 -3.57 20.43 -3.08
C SER A 80 -5.00 20.96 -3.11
N GLU A 81 -5.19 22.11 -3.75
CA GLU A 81 -6.50 22.74 -3.80
C GLU A 81 -7.20 22.46 -5.14
N LEU A 82 -8.49 22.16 -5.06
CA LEU A 82 -9.29 21.88 -6.26
C LEU A 82 -10.46 22.86 -6.34
N LYS A 83 -10.58 23.52 -7.50
CA LYS A 83 -11.71 24.41 -7.74
C LYS A 83 -12.58 23.86 -8.87
N ILE A 84 -13.91 23.96 -8.71
CA ILE A 84 -14.82 23.59 -9.79
C ILE A 84 -15.85 24.66 -10.08
N SER A 85 -15.70 25.81 -9.40
CA SER A 85 -16.52 26.99 -9.70
C SER A 85 -15.84 28.23 -9.14
N ASN A 86 -16.55 29.36 -9.15
CA ASN A 86 -15.96 30.63 -8.74
C ASN A 86 -16.46 31.19 -7.41
N ASP A 87 -17.29 30.43 -6.70
CA ASP A 87 -17.67 30.83 -5.35
C ASP A 87 -16.53 30.55 -4.38
N LEU A 88 -16.75 30.75 -3.10
CA LEU A 88 -15.70 30.60 -2.12
C LEU A 88 -15.47 29.16 -1.67
N THR A 89 -16.00 28.20 -2.43
CA THR A 89 -15.80 26.80 -2.10
C THR A 89 -14.59 26.21 -2.81
N THR A 90 -13.63 25.75 -2.03
CA THR A 90 -12.46 25.05 -2.54
C THR A 90 -12.50 23.66 -1.92
N TYR A 91 -12.00 22.66 -2.64
CA TYR A 91 -11.92 21.31 -2.11
C TYR A 91 -10.46 20.91 -1.90
N TYR A 92 -10.21 20.06 -0.90
CA TYR A 92 -8.83 19.81 -0.49
C TYR A 92 -8.45 18.35 -0.56
N ASP A 93 -7.29 18.09 -1.16
CA ASP A 93 -6.79 16.74 -1.39
C ASP A 93 -5.47 16.56 -0.66
N PHE A 94 -5.45 15.64 0.31
CA PHE A 94 -4.21 15.34 1.01
C PHE A 94 -3.32 14.46 0.14
N MET A 95 -2.13 14.96 -0.16
CA MET A 95 -1.14 14.23 -0.95
C MET A 95 0.09 13.94 -0.12
N GLY A 96 -0.05 13.08 0.86
CA GLY A 96 1.07 12.80 1.74
C GLY A 96 1.94 11.65 1.28
N HIS A 97 2.87 11.30 2.14
CA HIS A 97 3.67 10.10 1.97
C HIS A 97 4.04 9.66 3.36
N GLN A 98 4.68 8.51 3.47
CA GLN A 98 5.21 8.09 4.75
C GLN A 98 6.52 7.38 4.53
N HIS A 99 7.13 6.90 5.61
CA HIS A 99 8.40 6.20 5.51
C HIS A 99 8.30 4.87 6.22
N VAL A 100 8.60 3.81 5.49
CA VAL A 100 8.42 2.44 5.97
C VAL A 100 9.76 1.75 6.09
N ASN A 101 9.94 0.98 7.16
CA ASN A 101 11.18 0.22 7.34
C ASN A 101 11.21 -1.05 6.50
N VAL A 102 12.41 -1.39 6.02
CA VAL A 102 12.65 -2.71 5.45
C VAL A 102 13.70 -3.38 6.32
N VAL A 103 13.38 -4.57 6.80
CA VAL A 103 14.26 -5.28 7.73
C VAL A 103 14.91 -6.48 7.04
N CYS A 104 16.23 -6.61 7.17
CA CYS A 104 16.90 -7.76 6.60
C CYS A 104 16.58 -9.03 7.39
N GLU A 105 16.11 -10.05 6.67
CA GLU A 105 15.75 -11.32 7.29
C GLU A 105 16.98 -12.01 7.91
N ILE A 106 18.14 -11.75 7.32
CA ILE A 106 19.36 -12.43 7.74
C ILE A 106 20.08 -11.69 8.88
N CYS A 107 20.47 -10.44 8.64
CA CYS A 107 21.27 -9.71 9.62
C CYS A 107 20.47 -8.76 10.51
N GLY A 108 19.26 -8.39 10.06
CA GLY A 108 18.40 -7.54 10.87
C GLY A 108 18.62 -6.05 10.68
N LYS A 109 19.57 -5.68 9.81
CA LYS A 109 19.80 -4.27 9.55
C LYS A 109 18.57 -3.65 8.90
N ILE A 110 18.27 -2.43 9.31
CA ILE A 110 17.06 -1.75 8.86
C ILE A 110 17.37 -0.59 7.92
N ALA A 111 16.64 -0.56 6.81
CA ALA A 111 16.63 0.59 5.92
C ALA A 111 15.20 1.11 5.88
N ASP A 112 15.01 2.30 5.32
CA ASP A 112 13.66 2.82 5.14
C ASP A 112 13.47 3.37 3.74
N PHE A 113 12.23 3.44 3.31
CA PHE A 113 11.90 3.98 1.99
C PHE A 113 10.65 4.84 2.06
N MET A 114 10.50 5.73 1.10
CA MET A 114 9.34 6.60 1.02
C MET A 114 8.17 5.95 0.31
N ASP A 115 7.04 5.93 0.98
CA ASP A 115 5.85 5.29 0.46
C ASP A 115 4.70 6.28 0.24
N VAL A 116 4.00 6.13 -0.88
CA VAL A 116 2.78 6.90 -1.12
C VAL A 116 1.60 5.95 -1.31
N ASP A 117 1.84 4.66 -1.11
CA ASP A 117 0.85 3.64 -1.45
C ASP A 117 -0.06 3.17 -0.31
N VAL A 118 0.46 3.14 0.92
CA VAL A 118 -0.32 2.63 2.06
C VAL A 118 -1.57 3.45 2.32
N MET A 119 -1.52 4.75 2.01
CA MET A 119 -2.71 5.59 2.13
C MET A 119 -3.78 5.15 1.14
N ASP A 120 -3.35 4.63 -0.01
CA ASP A 120 -4.29 4.11 -1.00
C ASP A 120 -4.90 2.77 -0.55
N ILE A 121 -4.12 2.00 0.20
CA ILE A 121 -4.64 0.78 0.81
C ILE A 121 -5.76 1.13 1.78
N ALA A 122 -5.53 2.16 2.59
CA ALA A 122 -6.53 2.62 3.56
C ALA A 122 -7.84 3.01 2.88
N LYS A 123 -7.74 3.68 1.75
CA LYS A 123 -8.91 4.07 0.97
C LYS A 123 -9.68 2.84 0.49
N GLU A 124 -8.95 1.90 -0.10
CA GLU A 124 -9.55 0.67 -0.62
C GLU A 124 -10.15 -0.17 0.50
N ALA A 125 -9.46 -0.20 1.64
CA ALA A 125 -9.94 -0.93 2.81
C ALA A 125 -11.29 -0.38 3.25
N HIS A 126 -11.43 0.95 3.25
CA HIS A 126 -12.69 1.56 3.64
C HIS A 126 -13.80 1.25 2.64
N GLU A 127 -13.51 1.44 1.36
CA GLU A 127 -14.54 1.30 0.33
C GLU A 127 -15.08 -0.12 0.25
N GLN A 128 -14.22 -1.11 0.47
CA GLN A 128 -14.60 -2.52 0.33
C GLN A 128 -15.24 -3.14 1.57
N THR A 129 -15.02 -2.54 2.75
CA THR A 129 -15.51 -3.14 4.00
C THR A 129 -16.44 -2.24 4.79
N GLY A 130 -16.36 -0.93 4.55
CA GLY A 130 -17.18 0.02 5.29
C GLY A 130 -16.57 0.41 6.63
N TYR A 131 -15.43 -0.20 6.97
CA TYR A 131 -14.71 0.13 8.19
C TYR A 131 -14.19 1.54 8.11
N LYS A 132 -14.22 2.26 9.22
CA LYS A 132 -13.50 3.52 9.33
C LYS A 132 -12.06 3.18 9.69
N VAL A 133 -11.16 3.29 8.73
CA VAL A 133 -9.77 2.88 8.92
C VAL A 133 -9.03 3.82 9.86
N THR A 134 -8.36 3.24 10.86
CA THR A 134 -7.65 4.02 11.87
C THR A 134 -6.14 3.98 11.68
N ARG A 135 -5.62 2.82 11.27
CA ARG A 135 -4.17 2.66 11.11
C ARG A 135 -3.86 1.41 10.31
N ILE A 136 -2.75 1.45 9.58
CA ILE A 136 -2.24 0.28 8.89
C ILE A 136 -0.73 0.21 9.07
N PRO A 137 -0.27 -0.40 10.17
CA PRO A 137 1.17 -0.52 10.39
C PRO A 137 1.79 -1.42 9.33
N VAL A 138 2.89 -0.98 8.75
CA VAL A 138 3.54 -1.73 7.69
C VAL A 138 5.04 -1.81 7.91
N ILE A 139 5.58 -3.03 7.81
CA ILE A 139 7.02 -3.25 7.83
C ILE A 139 7.36 -4.24 6.72
N ALA A 140 8.36 -3.89 5.91
CA ALA A 140 8.79 -4.78 4.84
C ALA A 140 9.97 -5.62 5.31
N TYR A 141 10.12 -6.80 4.71
CA TYR A 141 11.27 -7.66 4.97
C TYR A 141 11.96 -8.05 3.67
N GLY A 142 13.27 -8.22 3.72
CA GLY A 142 14.01 -8.64 2.56
C GLY A 142 15.43 -9.03 2.88
N ILE A 143 16.25 -9.12 1.86
CA ILE A 143 17.68 -9.41 2.04
C ILE A 143 18.45 -8.16 1.64
N CYS A 144 19.21 -7.62 2.59
CA CYS A 144 19.96 -6.38 2.33
C CYS A 144 21.10 -6.64 1.34
N PRO A 145 21.59 -5.57 0.69
CA PRO A 145 22.66 -5.72 -0.31
C PRO A 145 23.88 -6.51 0.19
N ASP A 146 24.24 -6.34 1.46
CA ASP A 146 25.39 -7.04 2.01
C ASP A 146 25.15 -8.54 2.12
N CYS A 147 23.93 -8.93 2.48
CA CYS A 147 23.61 -10.34 2.69
C CYS A 147 23.25 -11.08 1.41
N GLN A 148 23.11 -10.35 0.31
CA GLN A 148 22.79 -10.96 -0.98
C GLN A 148 23.99 -11.70 -1.58
N ALA A 149 23.71 -12.84 -2.22
CA ALA A 149 24.71 -13.69 -2.90
C ALA A 149 26.09 -13.71 -2.27
N MET B 1 -8.21 -8.15 -11.12
CA MET B 1 -9.49 -8.63 -11.62
C MET B 1 -10.67 -8.03 -10.85
N ASP B 2 -11.82 -8.68 -10.92
CA ASP B 2 -13.01 -8.21 -10.21
C ASP B 2 -12.88 -8.40 -8.70
N ILE B 3 -13.53 -7.52 -7.95
CA ILE B 3 -13.51 -7.57 -6.49
C ILE B 3 -14.18 -8.84 -5.97
N HIS B 4 -13.48 -9.56 -5.11
CA HIS B 4 -13.95 -10.85 -4.59
C HIS B 4 -13.28 -11.14 -3.26
N SER B 5 -13.64 -12.26 -2.64
CA SER B 5 -13.05 -12.68 -1.38
C SER B 5 -12.87 -14.19 -1.30
N HIS B 6 -11.84 -14.64 -0.61
CA HIS B 6 -11.65 -16.06 -0.35
C HIS B 6 -11.89 -16.34 1.12
N GLN B 7 -12.47 -15.34 1.80
CA GLN B 7 -12.82 -15.44 3.22
C GLN B 7 -11.61 -15.66 4.14
N GLN B 8 -10.44 -15.21 3.69
CA GLN B 8 -9.23 -15.21 4.51
C GLN B 8 -8.16 -14.35 3.86
N ALA B 9 -7.19 -13.94 4.66
CA ALA B 9 -6.07 -13.16 4.14
C ALA B 9 -5.13 -14.07 3.36
N LEU B 10 -4.66 -13.57 2.22
CA LEU B 10 -3.73 -14.30 1.36
C LEU B 10 -2.75 -13.32 0.74
N ASP B 11 -1.45 -13.58 0.82
CA ASP B 11 -0.51 -12.74 0.11
C ASP B 11 -0.58 -13.03 -1.39
N ALA B 12 0.26 -12.37 -2.18
CA ALA B 12 0.23 -12.55 -3.63
C ALA B 12 0.44 -14.01 -4.03
N TYR B 13 1.43 -14.65 -3.43
CA TYR B 13 1.77 -16.04 -3.73
C TYR B 13 0.62 -16.99 -3.39
N GLU B 14 0.15 -16.94 -2.15
CA GLU B 14 -0.94 -17.79 -1.70
C GLU B 14 -2.23 -17.52 -2.46
N ASN B 15 -2.41 -16.28 -2.90
CA ASN B 15 -3.59 -15.95 -3.69
C ASN B 15 -3.60 -16.66 -5.04
N VAL B 16 -2.45 -16.65 -5.72
CA VAL B 16 -2.33 -17.32 -7.01
C VAL B 16 -2.70 -18.80 -6.86
N LEU B 17 -2.12 -19.45 -5.85
CA LEU B 17 -2.35 -20.87 -5.62
C LEU B 17 -3.81 -21.15 -5.33
N GLU B 18 -4.45 -20.29 -4.54
CA GLU B 18 -5.86 -20.44 -4.23
C GLU B 18 -6.73 -20.36 -5.49
N HIS B 19 -6.47 -19.36 -6.32
CA HIS B 19 -7.18 -19.20 -7.58
C HIS B 19 -6.98 -20.40 -8.50
N LEU B 20 -5.74 -20.88 -8.57
CA LEU B 20 -5.43 -22.03 -9.41
C LEU B 20 -6.09 -23.32 -8.92
N ARG B 21 -6.09 -23.51 -7.60
CA ARG B 21 -6.77 -24.66 -6.99
C ARG B 21 -8.26 -24.61 -7.31
N GLU B 22 -8.84 -23.43 -7.20
CA GLU B 22 -10.26 -23.23 -7.49
C GLU B 22 -10.60 -23.68 -8.92
N LYS B 23 -9.63 -23.55 -9.83
CA LYS B 23 -9.83 -23.92 -11.22
C LYS B 23 -9.33 -25.33 -11.52
N HIS B 24 -8.92 -26.04 -10.46
CA HIS B 24 -8.39 -27.41 -10.59
C HIS B 24 -7.16 -27.49 -11.49
N ILE B 25 -6.29 -26.50 -11.39
CA ILE B 25 -5.04 -26.51 -12.14
C ILE B 25 -3.93 -27.06 -11.24
N ARG B 26 -3.25 -28.09 -11.72
CA ARG B 26 -2.22 -28.77 -10.93
C ARG B 26 -1.10 -27.81 -10.52
N ILE B 27 -0.70 -27.89 -9.26
CA ILE B 27 0.36 -27.04 -8.75
C ILE B 27 1.65 -27.83 -8.61
N THR B 28 2.46 -27.81 -9.65
CA THR B 28 3.75 -28.49 -9.66
C THR B 28 4.77 -27.64 -8.92
N GLU B 29 5.91 -28.25 -8.58
CA GLU B 29 6.99 -27.51 -7.92
C GLU B 29 7.57 -26.45 -8.85
N THR B 30 7.59 -26.76 -10.15
CA THR B 30 8.06 -25.83 -11.16
C THR B 30 7.12 -24.62 -11.25
N ARG B 31 5.82 -24.89 -11.19
CA ARG B 31 4.83 -23.83 -11.23
C ARG B 31 4.96 -22.89 -10.04
N LYS B 32 5.21 -23.47 -8.87
CA LYS B 32 5.42 -22.68 -7.66
C LYS B 32 6.68 -21.82 -7.78
N ALA B 33 7.73 -22.39 -8.36
CA ALA B 33 8.99 -21.68 -8.54
C ALA B 33 8.84 -20.48 -9.48
N ILE B 34 8.09 -20.67 -10.55
CA ILE B 34 7.91 -19.61 -11.53
C ILE B 34 7.03 -18.47 -10.97
N ILE B 35 5.99 -18.84 -10.24
CA ILE B 35 5.15 -17.85 -9.57
C ILE B 35 5.97 -16.99 -8.61
N SER B 36 6.73 -17.65 -7.74
CA SER B 36 7.56 -16.96 -6.75
C SER B 36 8.59 -16.08 -7.45
N TYR B 37 9.20 -16.62 -8.50
CA TYR B 37 10.18 -15.87 -9.29
C TYR B 37 9.58 -14.58 -9.83
N MET B 38 8.39 -14.68 -10.42
CA MET B 38 7.71 -13.55 -11.02
C MET B 38 7.31 -12.51 -9.97
N ILE B 39 6.86 -12.99 -8.82
CA ILE B 39 6.49 -12.11 -7.71
C ILE B 39 7.70 -11.33 -7.20
N GLN B 40 8.83 -12.00 -7.09
CA GLN B 40 10.04 -11.38 -6.56
C GLN B 40 10.77 -10.53 -7.59
N SER B 41 10.49 -10.76 -8.86
CA SER B 41 11.23 -10.08 -9.92
C SER B 41 11.03 -8.56 -9.90
N THR B 42 12.14 -7.84 -9.88
CA THR B 42 12.13 -6.39 -9.82
C THR B 42 12.39 -5.80 -11.20
N GLU B 43 12.05 -6.59 -12.20
CA GLU B 43 12.15 -6.17 -13.59
C GLU B 43 11.06 -6.90 -14.37
N HIS B 44 11.13 -6.83 -15.69
CA HIS B 44 10.13 -7.47 -16.53
C HIS B 44 10.82 -8.48 -17.43
N PRO B 45 11.05 -9.69 -16.91
CA PRO B 45 11.87 -10.69 -17.60
C PRO B 45 11.20 -11.28 -18.84
N SER B 46 12.04 -11.65 -19.81
CA SER B 46 11.57 -12.41 -20.96
C SER B 46 11.43 -13.86 -20.56
N ALA B 47 10.84 -14.66 -21.43
CA ALA B 47 10.71 -16.09 -21.18
C ALA B 47 12.09 -16.74 -21.06
N ASP B 48 13.03 -16.26 -21.87
CA ASP B 48 14.38 -16.79 -21.85
C ASP B 48 15.08 -16.50 -20.52
N LYS B 49 14.88 -15.29 -20.01
CA LYS B 49 15.49 -14.87 -18.74
C LYS B 49 14.99 -15.75 -17.60
N ILE B 50 13.68 -15.94 -17.52
CA ILE B 50 13.08 -16.82 -16.53
C ILE B 50 13.70 -18.21 -16.64
N TYR B 51 13.74 -18.73 -17.87
CA TYR B 51 14.32 -20.03 -18.15
C TYR B 51 15.77 -20.14 -17.67
N ARG B 52 16.57 -19.15 -18.01
CA ARG B 52 17.99 -19.16 -17.65
C ARG B 52 18.22 -19.06 -16.14
N ASP B 53 17.39 -18.27 -15.46
CA ASP B 53 17.54 -18.05 -14.02
C ASP B 53 17.12 -19.25 -13.18
N LEU B 54 16.12 -19.98 -13.64
CA LEU B 54 15.60 -21.12 -12.89
C LEU B 54 16.25 -22.44 -13.29
N GLN B 55 16.91 -22.45 -14.44
CA GLN B 55 17.61 -23.63 -14.95
C GLN B 55 18.50 -24.39 -13.94
N PRO B 56 19.34 -23.67 -13.16
CA PRO B 56 20.16 -24.39 -12.18
C PRO B 56 19.38 -25.21 -11.15
N ASN B 57 18.30 -24.65 -10.61
CA ASN B 57 17.48 -25.36 -9.65
C ASN B 57 16.57 -26.40 -10.29
N PHE B 58 16.31 -26.23 -11.59
CA PHE B 58 15.43 -27.12 -12.32
C PHE B 58 16.06 -27.57 -13.63
N PRO B 59 16.93 -28.60 -13.56
CA PRO B 59 17.65 -29.12 -14.73
C PRO B 59 16.71 -29.67 -15.79
N ASN B 60 15.52 -30.09 -15.38
CA ASN B 60 14.53 -30.66 -16.28
C ASN B 60 13.58 -29.62 -16.86
N MET B 61 13.85 -28.35 -16.59
CA MET B 61 13.03 -27.26 -17.12
C MET B 61 13.47 -26.90 -18.53
N SER B 62 12.50 -26.71 -19.41
CA SER B 62 12.77 -26.27 -20.77
C SER B 62 12.09 -24.93 -21.02
N LEU B 63 12.40 -24.30 -22.14
CA LEU B 63 11.74 -23.05 -22.51
C LEU B 63 10.24 -23.29 -22.68
N ALA B 64 9.89 -24.46 -23.20
CA ALA B 64 8.49 -24.83 -23.37
C ALA B 64 7.76 -24.85 -22.03
N THR B 65 8.44 -25.31 -21.00
CA THR B 65 7.87 -25.34 -19.65
C THR B 65 7.54 -23.93 -19.18
N VAL B 66 8.47 -23.00 -19.41
CA VAL B 66 8.27 -21.61 -19.05
C VAL B 66 7.08 -21.00 -19.80
N TYR B 67 7.02 -21.23 -21.11
CA TYR B 67 5.90 -20.76 -21.92
C TYR B 67 4.58 -21.29 -21.40
N ASN B 68 4.56 -22.58 -21.08
CA ASN B 68 3.35 -23.24 -20.57
C ASN B 68 2.85 -22.58 -19.28
N ASN B 69 3.78 -22.33 -18.37
CA ASN B 69 3.43 -21.71 -17.10
C ASN B 69 3.00 -20.25 -17.24
N LEU B 70 3.69 -19.50 -18.10
CA LEU B 70 3.34 -18.12 -18.36
C LEU B 70 1.95 -18.01 -18.98
N LYS B 71 1.62 -18.97 -19.85
CA LYS B 71 0.31 -19.02 -20.49
C LYS B 71 -0.82 -19.12 -19.46
N VAL B 72 -0.62 -19.99 -18.47
CA VAL B 72 -1.59 -20.14 -17.39
C VAL B 72 -1.72 -18.85 -16.59
N LEU B 73 -0.59 -18.29 -16.18
CA LEU B 73 -0.58 -17.07 -15.37
C LEU B 73 -1.16 -15.87 -16.10
N VAL B 74 -0.85 -15.74 -17.39
CA VAL B 74 -1.37 -14.62 -18.18
C VAL B 74 -2.89 -14.74 -18.35
N ASP B 75 -3.35 -15.95 -18.66
CA ASP B 75 -4.78 -16.18 -18.86
C ASP B 75 -5.57 -16.03 -17.56
N GLU B 76 -5.02 -16.52 -16.45
CA GLU B 76 -5.69 -16.42 -15.16
C GLU B 76 -5.59 -15.03 -14.55
N GLY B 77 -4.85 -14.15 -15.22
CA GLY B 77 -4.83 -12.74 -14.87
C GLY B 77 -3.86 -12.30 -13.79
N PHE B 78 -2.72 -12.99 -13.70
CA PHE B 78 -1.73 -12.65 -12.69
C PHE B 78 -0.44 -12.09 -13.28
N VAL B 79 -0.29 -12.23 -14.59
CA VAL B 79 0.89 -11.73 -15.30
C VAL B 79 0.48 -11.05 -16.61
N SER B 80 1.10 -9.91 -16.91
CA SER B 80 0.83 -9.21 -18.15
C SER B 80 2.01 -9.27 -19.13
N GLU B 81 1.71 -9.44 -20.41
CA GLU B 81 2.72 -9.37 -21.45
C GLU B 81 2.93 -7.91 -21.83
N LEU B 82 4.17 -7.44 -21.69
CA LEU B 82 4.48 -6.05 -22.02
C LEU B 82 5.35 -5.95 -23.26
N LYS B 83 5.29 -4.81 -23.93
CA LYS B 83 6.08 -4.57 -25.13
C LYS B 83 6.90 -3.29 -25.02
N ILE B 84 8.10 -3.33 -25.61
CA ILE B 84 8.90 -2.15 -25.79
C ILE B 84 9.00 -1.89 -27.30
N SER B 85 8.94 -0.62 -27.69
CA SER B 85 9.02 -0.26 -29.10
C SER B 85 10.31 -0.77 -29.74
N ASN B 86 10.20 -1.21 -31.00
CA ASN B 86 11.33 -1.70 -31.80
C ASN B 86 11.85 -3.07 -31.37
N ASP B 87 11.37 -3.56 -30.23
CA ASP B 87 11.76 -4.86 -29.71
C ASP B 87 10.58 -5.84 -29.80
N LEU B 88 10.81 -6.97 -30.44
CA LEU B 88 9.76 -7.98 -30.59
C LEU B 88 9.66 -8.92 -29.40
N THR B 89 10.64 -8.84 -28.50
CA THR B 89 10.66 -9.69 -27.32
C THR B 89 9.51 -9.36 -26.38
N THR B 90 8.77 -10.39 -25.98
CA THR B 90 7.72 -10.21 -24.99
C THR B 90 8.31 -10.24 -23.59
N TYR B 91 7.98 -9.23 -22.79
CA TYR B 91 8.43 -9.19 -21.41
C TYR B 91 7.23 -9.36 -20.48
N TYR B 92 7.48 -9.97 -19.33
CA TYR B 92 6.40 -10.35 -18.43
C TYR B 92 6.52 -9.66 -17.09
N ASP B 93 5.38 -9.33 -16.49
CA ASP B 93 5.36 -8.65 -15.20
C ASP B 93 4.24 -9.19 -14.33
N PHE B 94 4.58 -9.57 -13.11
CA PHE B 94 3.58 -10.03 -12.15
C PHE B 94 2.84 -8.84 -11.57
N MET B 95 1.51 -8.86 -11.61
CA MET B 95 0.72 -7.78 -11.03
C MET B 95 -0.48 -8.32 -10.22
N GLY B 96 -0.46 -9.62 -9.96
CA GLY B 96 -1.52 -10.28 -9.22
C GLY B 96 -1.83 -9.64 -7.88
N HIS B 97 -3.10 -9.71 -7.49
CA HIS B 97 -3.58 -9.07 -6.26
C HIS B 97 -3.34 -9.93 -5.03
N GLN B 98 -3.72 -9.39 -3.87
CA GLN B 98 -3.69 -10.15 -2.64
C GLN B 98 -4.94 -9.79 -1.83
N HIS B 99 -5.10 -10.42 -0.69
CA HIS B 99 -6.23 -10.13 0.19
C HIS B 99 -5.77 -9.84 1.60
N VAL B 100 -6.20 -8.69 2.11
CA VAL B 100 -5.72 -8.15 3.38
C VAL B 100 -6.85 -8.04 4.39
N ASN B 101 -6.59 -8.41 5.64
CA ASN B 101 -7.59 -8.27 6.69
C ASN B 101 -7.71 -6.84 7.22
N VAL B 102 -8.93 -6.46 7.59
CA VAL B 102 -9.11 -5.27 8.40
C VAL B 102 -9.80 -5.70 9.69
N VAL B 103 -9.18 -5.34 10.81
CA VAL B 103 -9.65 -5.80 12.12
C VAL B 103 -10.25 -4.66 12.91
N CYS B 104 -11.41 -4.90 13.52
CA CYS B 104 -12.06 -3.87 14.32
C CYS B 104 -11.35 -3.70 15.65
N GLU B 105 -10.92 -2.48 15.92
CA GLU B 105 -10.20 -2.16 17.16
C GLU B 105 -11.06 -2.40 18.39
N ILE B 106 -12.38 -2.27 18.23
CA ILE B 106 -13.30 -2.37 19.35
C ILE B 106 -13.81 -3.78 19.64
N CYS B 107 -14.27 -4.48 18.60
CA CYS B 107 -14.90 -5.79 18.81
C CYS B 107 -14.08 -6.96 18.26
N GLY B 108 -13.08 -6.65 17.44
CA GLY B 108 -12.18 -7.68 16.92
C GLY B 108 -12.67 -8.37 15.66
N LYS B 109 -13.84 -7.96 15.17
CA LYS B 109 -14.40 -8.57 13.97
C LYS B 109 -13.49 -8.29 12.77
N ILE B 110 -13.32 -9.32 11.95
CA ILE B 110 -12.41 -9.25 10.81
C ILE B 110 -13.16 -9.25 9.49
N ALA B 111 -12.78 -8.33 8.62
CA ALA B 111 -13.23 -8.35 7.23
C ALA B 111 -11.97 -8.37 6.38
N ASP B 112 -12.12 -8.74 5.12
CA ASP B 112 -10.97 -8.71 4.21
C ASP B 112 -11.30 -7.95 2.93
N PHE B 113 -10.27 -7.42 2.28
CA PHE B 113 -10.45 -6.68 1.04
C PHE B 113 -9.37 -7.05 0.03
N MET B 114 -9.62 -6.75 -1.24
CA MET B 114 -8.68 -7.06 -2.31
C MET B 114 -7.70 -5.92 -2.51
N ASP B 115 -6.41 -6.25 -2.48
CA ASP B 115 -5.37 -5.24 -2.61
C ASP B 115 -4.49 -5.46 -3.82
N VAL B 116 -4.16 -4.37 -4.52
CA VAL B 116 -3.18 -4.40 -5.60
C VAL B 116 -2.05 -3.41 -5.33
N ASP B 117 -2.01 -2.87 -4.11
CA ASP B 117 -1.10 -1.78 -3.79
C ASP B 117 0.22 -2.20 -3.13
N VAL B 118 0.18 -3.27 -2.33
CA VAL B 118 1.39 -3.71 -1.61
C VAL B 118 2.52 -4.13 -2.55
N MET B 119 2.17 -4.66 -3.71
CA MET B 119 3.20 -5.01 -4.69
C MET B 119 3.94 -3.76 -5.16
N ASP B 120 3.22 -2.65 -5.27
CA ASP B 120 3.85 -1.38 -5.62
C ASP B 120 4.78 -0.89 -4.49
N ILE B 121 4.41 -1.22 -3.26
CA ILE B 121 5.25 -0.94 -2.11
C ILE B 121 6.53 -1.75 -2.21
N ALA B 122 6.38 -3.01 -2.59
CA ALA B 122 7.50 -3.92 -2.76
C ALA B 122 8.51 -3.40 -3.79
N LYS B 123 7.99 -2.86 -4.88
CA LYS B 123 8.83 -2.29 -5.92
C LYS B 123 9.61 -1.08 -5.41
N GLU B 124 8.90 -0.15 -4.75
CA GLU B 124 9.54 1.03 -4.19
C GLU B 124 10.56 0.67 -3.11
N ALA B 125 10.21 -0.30 -2.28
CA ALA B 125 11.12 -0.76 -1.23
C ALA B 125 12.44 -1.23 -1.84
N HIS B 126 12.34 -2.02 -2.90
CA HIS B 126 13.54 -2.52 -3.57
C HIS B 126 14.35 -1.38 -4.19
N GLU B 127 13.68 -0.50 -4.92
CA GLU B 127 14.36 0.55 -5.65
C GLU B 127 15.14 1.49 -4.73
N GLN B 128 14.53 1.84 -3.61
CA GLN B 128 15.11 2.84 -2.72
C GLN B 128 16.13 2.30 -1.72
N THR B 129 16.13 0.99 -1.49
CA THR B 129 17.00 0.40 -0.47
C THR B 129 17.98 -0.61 -1.04
N GLY B 130 17.67 -1.18 -2.20
CA GLY B 130 18.48 -2.24 -2.77
C GLY B 130 18.21 -3.62 -2.16
N TYR B 131 17.32 -3.68 -1.18
CA TYR B 131 16.91 -4.96 -0.61
C TYR B 131 16.14 -5.80 -1.62
N LYS B 132 16.38 -7.10 -1.63
CA LYS B 132 15.52 -8.03 -2.36
C LYS B 132 14.37 -8.36 -1.43
N VAL B 133 13.19 -7.81 -1.73
CA VAL B 133 12.04 -7.92 -0.84
C VAL B 133 11.48 -9.35 -0.78
N THR B 134 11.28 -9.84 0.45
CA THR B 134 10.80 -11.20 0.65
C THR B 134 9.31 -11.23 1.02
N ARG B 135 8.89 -10.29 1.84
CA ARG B 135 7.51 -10.25 2.30
C ARG B 135 7.16 -8.90 2.92
N ILE B 136 5.92 -8.48 2.74
CA ILE B 136 5.42 -7.28 3.39
C ILE B 136 4.08 -7.57 4.04
N PRO B 137 4.12 -8.13 5.26
CA PRO B 137 2.88 -8.46 5.97
C PRO B 137 2.12 -7.18 6.31
N VAL B 138 0.84 -7.14 5.94
CA VAL B 138 0.02 -5.96 6.18
C VAL B 138 -1.31 -6.36 6.80
N ILE B 139 -1.67 -5.69 7.89
CA ILE B 139 -2.99 -5.83 8.49
C ILE B 139 -3.54 -4.43 8.74
N ALA B 140 -4.78 -4.19 8.32
CA ALA B 140 -5.40 -2.89 8.56
C ALA B 140 -6.25 -2.95 9.82
N TYR B 141 -6.40 -1.80 10.47
CA TYR B 141 -7.26 -1.69 11.65
C TYR B 141 -8.27 -0.59 11.44
N GLY B 142 -9.43 -0.73 12.07
CA GLY B 142 -10.48 0.26 11.91
C GLY B 142 -11.67 0.00 12.82
N ILE B 143 -12.75 0.71 12.57
CA ILE B 143 -13.98 0.50 13.30
C ILE B 143 -15.02 -0.07 12.35
N CYS B 144 -15.54 -1.24 12.67
CA CYS B 144 -16.55 -1.89 11.84
C CYS B 144 -17.85 -1.09 11.84
N PRO B 145 -18.67 -1.23 10.76
CA PRO B 145 -19.93 -0.50 10.66
C PRO B 145 -20.83 -0.64 11.91
N ASP B 146 -20.88 -1.83 12.50
CA ASP B 146 -21.71 -2.04 13.68
C ASP B 146 -21.21 -1.26 14.89
N CYS B 147 -19.90 -1.19 15.06
CA CYS B 147 -19.32 -0.46 16.18
C CYS B 147 -19.41 1.05 15.99
N GLN B 148 -19.44 1.50 14.73
CA GLN B 148 -19.58 2.91 14.42
C GLN B 148 -20.94 3.43 14.91
N ALA B 149 -21.92 2.54 14.96
CA ALA B 149 -23.28 2.92 15.35
C ALA B 149 -23.49 2.87 16.86
N LYS B 150 -22.53 2.33 17.59
CA LYS B 150 -22.65 2.22 19.04
C LYS B 150 -21.88 3.35 19.75
N ASP B 151 -22.16 3.52 21.03
CA ASP B 151 -21.46 4.52 21.83
C ASP B 151 -20.00 4.13 22.04
N GLN B 152 -19.20 5.10 22.46
CA GLN B 152 -17.78 4.88 22.72
C GLN B 152 -17.60 3.87 23.85
N PRO B 153 -16.79 2.82 23.60
CA PRO B 153 -16.55 1.79 24.60
C PRO B 153 -15.61 2.26 25.70
N ASP B 154 -15.61 1.56 26.83
CA ASP B 154 -14.70 1.88 27.93
C ASP B 154 -13.37 1.15 27.78
N PHE B 155 -13.32 0.19 26.85
CA PHE B 155 -12.08 -0.55 26.60
C PHE B 155 -12.03 -1.11 25.16
N LEU B 156 -10.81 -1.34 24.68
CA LEU B 156 -10.59 -1.82 23.31
C LEU B 156 -10.17 -3.27 23.28
N GLU B 157 -10.32 -3.89 22.11
CA GLU B 157 -9.87 -5.26 21.85
C GLU B 157 -10.38 -6.26 22.88
#